data_3A7O
#
_entry.id   3A7O
#
_cell.length_a   127.891
_cell.length_b   127.891
_cell.length_c   77.808
_cell.angle_alpha   90
_cell.angle_beta   90
_cell.angle_gamma   90
#
_symmetry.space_group_name_H-M   'P 43 21 2'
#
loop_
_entity.id
_entity.type
_entity.pdbx_description
1 polymer 'Autophagy protein 16'
2 water water
#
_entity_poly.entity_id   1
_entity_poly.type   'polypeptide(L)'
_entity_poly.pdbx_seq_one_letter_code
;GSGAIGGNIVSHDDALLNTLAILQKELKSKEQEIRRLKEVIALKNKNTERLNDELISGTIENNVLQQKLSDLKKE
;
_entity_poly.pdbx_strand_id   A,B,C,D,E,F
#
# COMPACT_ATOMS: atom_id res chain seq x y z
N HIS A 12 -8.31 52.58 -3.21
CA HIS A 12 -9.41 52.26 -4.18
C HIS A 12 -8.79 51.70 -5.45
N ASP A 13 -7.91 52.49 -6.07
CA ASP A 13 -7.24 52.08 -7.29
C ASP A 13 -6.21 50.98 -7.01
N ASP A 14 -5.43 51.16 -5.94
CA ASP A 14 -4.41 50.18 -5.57
C ASP A 14 -4.95 48.91 -4.91
N ALA A 15 -6.15 48.99 -4.35
CA ALA A 15 -6.76 47.84 -3.71
C ALA A 15 -7.10 46.80 -4.78
N LEU A 16 -7.95 47.20 -5.73
CA LEU A 16 -8.33 46.28 -6.79
C LEU A 16 -7.11 45.75 -7.54
N LEU A 17 -6.09 46.58 -7.71
CA LEU A 17 -4.88 46.16 -8.38
C LEU A 17 -4.10 45.14 -7.54
N ASN A 18 -4.29 45.20 -6.22
CA ASN A 18 -3.61 44.25 -5.36
C ASN A 18 -4.34 42.91 -5.46
N THR A 19 -5.67 42.98 -5.58
CA THR A 19 -6.50 41.79 -5.72
C THR A 19 -6.16 41.12 -7.05
N LEU A 20 -5.89 41.93 -8.06
CA LEU A 20 -5.55 41.39 -9.35
C LEU A 20 -4.30 40.54 -9.17
N ALA A 21 -3.29 41.12 -8.55
CA ALA A 21 -2.03 40.43 -8.29
C ALA A 21 -2.26 39.11 -7.58
N ILE A 22 -3.11 39.12 -6.56
CA ILE A 22 -3.40 37.90 -5.84
C ILE A 22 -4.08 36.87 -6.73
N LEU A 23 -5.06 37.29 -7.53
CA LEU A 23 -5.78 36.38 -8.42
C LEU A 23 -4.84 35.80 -9.48
N GLN A 24 -3.91 36.62 -9.96
CA GLN A 24 -2.91 36.20 -10.95
C GLN A 24 -2.11 35.03 -10.36
N LYS A 25 -1.63 35.21 -9.12
CA LYS A 25 -0.85 34.18 -8.46
C LYS A 25 -1.63 32.86 -8.30
N GLU A 26 -2.92 32.95 -7.98
CA GLU A 26 -3.73 31.74 -7.86
C GLU A 26 -3.79 31.11 -9.25
N LEU A 27 -4.00 31.93 -10.27
CA LEU A 27 -4.05 31.43 -11.63
C LEU A 27 -2.81 30.58 -11.89
N LYS A 28 -1.64 31.18 -11.63
CA LYS A 28 -0.35 30.50 -11.83
C LYS A 28 -0.27 29.19 -11.04
N SER A 29 -0.72 29.26 -9.79
CA SER A 29 -0.75 28.09 -8.91
C SER A 29 -1.62 26.97 -9.55
N LYS A 30 -2.78 27.33 -10.07
CA LYS A 30 -3.69 26.37 -10.71
C LYS A 30 -3.14 25.81 -12.01
N GLU A 31 -2.46 26.63 -12.79
CA GLU A 31 -1.91 26.14 -14.05
C GLU A 31 -0.75 25.20 -13.80
N GLN A 32 -0.07 25.40 -12.68
CA GLN A 32 1.05 24.58 -12.33
C GLN A 32 0.51 23.21 -11.89
N GLU A 33 -0.61 23.24 -11.17
CA GLU A 33 -1.24 22.01 -10.71
C GLU A 33 -1.71 21.18 -11.90
N ILE A 34 -2.11 21.86 -12.98
CA ILE A 34 -2.56 21.19 -14.20
C ILE A 34 -1.36 20.53 -14.88
N ARG A 35 -0.23 21.20 -14.81
CA ARG A 35 1.02 20.70 -15.39
C ARG A 35 1.46 19.43 -14.66
N ARG A 36 1.40 19.47 -13.33
CA ARG A 36 1.78 18.35 -12.48
C ARG A 36 0.83 17.16 -12.72
N LEU A 37 -0.47 17.45 -12.73
CA LEU A 37 -1.46 16.41 -12.95
C LEU A 37 -1.24 15.69 -14.27
N LYS A 38 -0.81 16.41 -15.30
CA LYS A 38 -0.58 15.79 -16.60
C LYS A 38 0.68 14.93 -16.53
N GLU A 39 1.62 15.30 -15.68
CA GLU A 39 2.82 14.51 -15.53
C GLU A 39 2.43 13.22 -14.79
N VAL A 40 1.55 13.36 -13.81
CA VAL A 40 1.07 12.23 -13.03
C VAL A 40 0.50 11.18 -13.96
N ILE A 41 -0.35 11.62 -14.88
CA ILE A 41 -0.99 10.75 -15.85
C ILE A 41 0.00 10.05 -16.79
N ALA A 42 1.08 10.73 -17.14
CA ALA A 42 2.09 10.17 -18.03
C ALA A 42 2.91 9.14 -17.28
N LEU A 43 3.16 9.42 -16.01
CA LEU A 43 3.93 8.53 -15.17
C LEU A 43 3.08 7.28 -14.83
N LYS A 44 1.78 7.47 -14.73
CA LYS A 44 0.87 6.36 -14.45
C LYS A 44 0.74 5.55 -15.74
N ASN A 45 0.49 6.23 -16.86
CA ASN A 45 0.37 5.55 -18.15
C ASN A 45 1.57 4.66 -18.45
N LYS A 46 2.76 5.06 -18.03
CA LYS A 46 3.98 4.28 -18.25
C LYS A 46 3.95 3.02 -17.40
N ASN A 47 3.52 3.16 -16.14
CA ASN A 47 3.40 2.02 -15.25
C ASN A 47 2.43 1.02 -15.86
N THR A 48 1.31 1.54 -16.39
CA THR A 48 0.30 0.71 -17.02
C THR A 48 0.92 -0.10 -18.15
N GLU A 49 1.88 0.51 -18.85
CA GLU A 49 2.56 -0.15 -19.95
C GLU A 49 3.40 -1.32 -19.42
N ARG A 50 4.20 -1.05 -18.39
CA ARG A 50 5.04 -2.06 -17.78
C ARG A 50 4.17 -3.22 -17.27
N LEU A 51 3.01 -2.86 -16.71
CA LEU A 51 2.06 -3.80 -16.16
C LEU A 51 1.42 -4.71 -17.20
N ASN A 52 0.94 -4.14 -18.30
CA ASN A 52 0.33 -4.94 -19.36
C ASN A 52 1.36 -5.88 -19.97
N ASP A 53 2.60 -5.42 -20.06
CA ASP A 53 3.67 -6.24 -20.60
C ASP A 53 3.89 -7.47 -19.69
N GLU A 54 3.93 -7.23 -18.38
CA GLU A 54 4.13 -8.29 -17.41
C GLU A 54 2.95 -9.28 -17.42
N LEU A 55 1.74 -8.78 -17.67
CA LEU A 55 0.57 -9.63 -17.71
C LEU A 55 0.61 -10.56 -18.92
N ILE A 56 1.22 -10.08 -20.00
CA ILE A 56 1.34 -10.85 -21.23
C ILE A 56 2.38 -11.97 -21.07
N SER A 57 3.49 -11.65 -20.41
CA SER A 57 4.57 -12.60 -20.20
C SER A 57 4.22 -13.69 -19.18
N GLY A 58 3.50 -13.32 -18.13
CA GLY A 58 3.12 -14.29 -17.12
C GLY A 58 1.98 -15.18 -17.59
N THR A 59 1.26 -14.71 -18.61
CA THR A 59 0.15 -15.46 -19.19
C THR A 59 0.76 -16.50 -20.12
N ILE A 60 1.79 -16.10 -20.85
CA ILE A 60 2.46 -17.01 -21.76
C ILE A 60 3.23 -18.06 -20.97
N GLU A 61 3.74 -17.68 -19.80
CA GLU A 61 4.47 -18.63 -18.96
C GLU A 61 3.52 -19.72 -18.49
N ASN A 62 2.27 -19.34 -18.19
CA ASN A 62 1.30 -20.32 -17.74
C ASN A 62 0.80 -21.22 -18.88
N ASN A 63 0.76 -20.70 -20.10
CA ASN A 63 0.33 -21.50 -21.25
C ASN A 63 1.42 -22.50 -21.62
N VAL A 64 2.65 -22.16 -21.27
CA VAL A 64 3.79 -23.02 -21.53
C VAL A 64 3.73 -24.24 -20.60
N LEU A 65 3.14 -24.04 -19.42
CA LEU A 65 3.02 -25.11 -18.44
C LEU A 65 1.73 -25.91 -18.68
N GLN A 66 0.70 -25.22 -19.17
CA GLN A 66 -0.58 -25.87 -19.45
C GLN A 66 -0.48 -26.74 -20.70
N GLN A 67 0.56 -26.51 -21.49
CA GLN A 67 0.79 -27.26 -22.73
C GLN A 67 1.73 -28.44 -22.50
N LYS A 68 2.61 -28.30 -21.50
CA LYS A 68 3.56 -29.34 -21.14
C LYS A 68 2.81 -30.48 -20.45
N LEU A 69 1.98 -30.12 -19.46
CA LEU A 69 1.21 -31.12 -18.73
C LEU A 69 0.08 -31.73 -19.55
N SER A 70 -0.77 -30.88 -20.12
CA SER A 70 -1.90 -31.36 -20.91
C SER A 70 -1.46 -32.34 -22.01
N ASP B 13 -11.02 51.63 -13.38
CA ASP B 13 -12.19 51.44 -12.48
C ASP B 13 -13.12 50.38 -13.08
N ASP B 14 -13.54 50.60 -14.33
CA ASP B 14 -14.38 49.63 -15.01
C ASP B 14 -13.43 48.56 -15.56
N ALA B 15 -12.28 49.01 -16.05
CA ALA B 15 -11.26 48.11 -16.57
C ALA B 15 -10.79 47.15 -15.45
N LEU B 16 -10.59 47.68 -14.25
CA LEU B 16 -10.13 46.87 -13.13
C LEU B 16 -11.18 45.83 -12.75
N LEU B 17 -12.43 46.25 -12.80
CA LEU B 17 -13.53 45.38 -12.47
C LEU B 17 -13.72 44.27 -13.53
N ASN B 18 -13.54 44.62 -14.80
CA ASN B 18 -13.70 43.63 -15.87
C ASN B 18 -12.54 42.64 -15.84
N THR B 19 -11.37 43.15 -15.45
CA THR B 19 -10.15 42.35 -15.37
C THR B 19 -10.27 41.33 -14.23
N LEU B 20 -10.97 41.70 -13.17
CA LEU B 20 -11.18 40.78 -12.07
C LEU B 20 -12.14 39.71 -12.54
N ALA B 21 -13.08 40.10 -13.40
CA ALA B 21 -14.10 39.18 -13.94
C ALA B 21 -13.43 38.18 -14.88
N ILE B 22 -12.47 38.65 -15.66
CA ILE B 22 -11.74 37.79 -16.57
C ILE B 22 -10.91 36.80 -15.73
N LEU B 23 -10.14 37.32 -14.78
CA LEU B 23 -9.32 36.48 -13.92
C LEU B 23 -10.17 35.43 -13.21
N GLN B 24 -11.32 35.82 -12.67
CA GLN B 24 -12.14 34.85 -11.96
C GLN B 24 -12.79 33.86 -12.91
N LYS B 25 -12.95 34.25 -14.17
CA LYS B 25 -13.55 33.36 -15.15
C LYS B 25 -12.54 32.30 -15.52
N GLU B 26 -11.32 32.73 -15.82
CA GLU B 26 -10.27 31.81 -16.21
C GLU B 26 -9.94 30.84 -15.06
N LEU B 27 -9.88 31.36 -13.84
CA LEU B 27 -9.60 30.49 -12.70
C LEU B 27 -10.63 29.37 -12.66
N LYS B 28 -11.91 29.73 -12.78
CA LYS B 28 -12.99 28.75 -12.74
C LYS B 28 -12.79 27.70 -13.82
N SER B 29 -12.25 28.14 -14.95
CA SER B 29 -11.98 27.25 -16.06
C SER B 29 -10.84 26.31 -15.69
N LYS B 30 -9.70 26.85 -15.27
CA LYS B 30 -8.55 26.03 -14.89
C LYS B 30 -8.85 24.99 -13.83
N GLU B 31 -9.71 25.31 -12.89
CA GLU B 31 -10.01 24.33 -11.85
C GLU B 31 -11.03 23.30 -12.36
N GLN B 32 -11.67 23.59 -13.48
CA GLN B 32 -12.63 22.65 -14.05
C GLN B 32 -11.80 21.59 -14.78
N GLU B 33 -10.65 22.03 -15.31
CA GLU B 33 -9.71 21.18 -16.00
C GLU B 33 -9.03 20.27 -14.97
N ILE B 34 -8.85 20.79 -13.76
CA ILE B 34 -8.23 20.03 -12.69
C ILE B 34 -9.18 18.91 -12.28
N ARG B 35 -10.47 19.22 -12.23
CA ARG B 35 -11.51 18.25 -11.89
C ARG B 35 -11.57 17.19 -12.98
N ARG B 36 -11.40 17.62 -14.22
CA ARG B 36 -11.44 16.70 -15.35
C ARG B 36 -10.21 15.77 -15.33
N LEU B 37 -9.03 16.35 -15.11
CA LEU B 37 -7.81 15.56 -15.07
C LEU B 37 -7.81 14.60 -13.87
N LYS B 38 -8.52 14.94 -12.82
CA LYS B 38 -8.57 14.05 -11.66
C LYS B 38 -9.52 12.87 -11.95
N GLU B 39 -10.53 13.13 -12.77
CA GLU B 39 -11.49 12.12 -13.17
C GLU B 39 -10.75 11.09 -14.02
N VAL B 40 -9.93 11.58 -14.95
CA VAL B 40 -9.14 10.72 -15.82
C VAL B 40 -8.21 9.82 -15.01
N ILE B 41 -7.58 10.39 -13.99
CA ILE B 41 -6.67 9.67 -13.12
C ILE B 41 -7.35 8.58 -12.29
N ALA B 42 -8.51 8.89 -11.72
CA ALA B 42 -9.24 7.91 -10.91
C ALA B 42 -9.62 6.69 -11.77
N LEU B 43 -9.94 6.95 -13.03
CA LEU B 43 -10.31 5.90 -13.96
C LEU B 43 -9.09 5.04 -14.21
N LYS B 44 -7.95 5.68 -14.43
CA LYS B 44 -6.73 4.94 -14.69
C LYS B 44 -6.30 4.17 -13.45
N ASN B 45 -6.65 4.69 -12.28
CA ASN B 45 -6.33 4.02 -11.01
C ASN B 45 -7.13 2.72 -10.85
N LYS B 46 -8.33 2.69 -11.42
CA LYS B 46 -9.18 1.50 -11.36
C LYS B 46 -8.55 0.44 -12.25
N ASN B 47 -8.03 0.88 -13.39
CA ASN B 47 -7.40 -0.01 -14.34
C ASN B 47 -6.10 -0.58 -13.76
N THR B 48 -5.33 0.27 -13.08
CA THR B 48 -4.09 -0.19 -12.50
C THR B 48 -4.39 -1.32 -11.52
N GLU B 49 -5.41 -1.10 -10.70
CA GLU B 49 -5.83 -2.07 -9.68
C GLU B 49 -6.25 -3.37 -10.32
N ARG B 50 -7.05 -3.26 -11.38
CA ARG B 50 -7.53 -4.42 -12.12
C ARG B 50 -6.32 -5.22 -12.65
N LEU B 51 -5.37 -4.53 -13.25
CA LEU B 51 -4.16 -5.17 -13.78
C LEU B 51 -3.30 -5.81 -12.68
N ASN B 52 -3.18 -5.13 -11.54
CA ASN B 52 -2.38 -5.63 -10.42
C ASN B 52 -2.93 -6.97 -9.89
N ASP B 53 -4.25 -7.09 -9.84
CA ASP B 53 -4.84 -8.32 -9.34
C ASP B 53 -4.66 -9.45 -10.35
N GLU B 54 -4.85 -9.17 -11.63
CA GLU B 54 -4.68 -10.16 -12.67
C GLU B 54 -3.24 -10.66 -12.68
N LEU B 55 -2.33 -9.77 -12.29
CA LEU B 55 -0.92 -10.10 -12.25
C LEU B 55 -0.73 -11.01 -11.05
N ILE B 56 -1.38 -10.67 -9.95
CA ILE B 56 -1.29 -11.47 -8.74
C ILE B 56 -1.93 -12.85 -8.95
N SER B 57 -3.07 -12.91 -9.63
CA SER B 57 -3.73 -14.18 -9.87
C SER B 57 -2.94 -15.02 -10.85
N GLY B 58 -2.08 -14.38 -11.64
CA GLY B 58 -1.27 -15.10 -12.60
C GLY B 58 -0.04 -15.71 -11.95
N THR B 59 0.42 -15.07 -10.87
CA THR B 59 1.58 -15.53 -10.12
C THR B 59 1.20 -16.76 -9.31
N ILE B 60 0.03 -16.70 -8.67
CA ILE B 60 -0.48 -17.80 -7.88
C ILE B 60 -0.71 -18.95 -8.85
N GLU B 61 -1.45 -18.65 -9.91
CA GLU B 61 -1.76 -19.62 -10.96
C GLU B 61 -0.50 -20.36 -11.41
N ASN B 62 0.61 -19.64 -11.48
CA ASN B 62 1.87 -20.22 -11.89
C ASN B 62 2.44 -21.21 -10.86
N ASN B 63 2.30 -20.91 -9.58
CA ASN B 63 2.81 -21.82 -8.56
C ASN B 63 1.95 -23.07 -8.47
N VAL B 64 0.71 -22.96 -8.94
CA VAL B 64 -0.24 -24.07 -8.92
C VAL B 64 0.10 -25.08 -10.02
N LEU B 65 0.73 -24.60 -11.09
CA LEU B 65 1.11 -25.46 -12.20
C LEU B 65 2.43 -26.17 -11.95
N GLN B 66 3.13 -25.78 -10.90
CA GLN B 66 4.41 -26.40 -10.57
C GLN B 66 4.32 -27.51 -9.52
N HIS C 12 -30.86 -45.28 2.57
CA HIS C 12 -31.01 -43.85 2.94
C HIS C 12 -29.67 -43.27 3.39
N ASP C 13 -28.79 -44.15 3.87
CA ASP C 13 -27.46 -43.70 4.29
C ASP C 13 -26.74 -43.29 3.02
N ASP C 14 -27.24 -43.79 1.90
CA ASP C 14 -26.67 -43.51 0.59
C ASP C 14 -26.85 -42.04 0.19
N ALA C 15 -28.05 -41.50 0.41
CA ALA C 15 -28.31 -40.10 0.10
C ALA C 15 -27.41 -39.24 1.00
N LEU C 16 -27.40 -39.59 2.29
CA LEU C 16 -26.60 -38.90 3.29
C LEU C 16 -25.11 -38.93 2.92
N LEU C 17 -24.65 -40.06 2.40
CA LEU C 17 -23.24 -40.20 2.02
C LEU C 17 -22.93 -39.35 0.79
N ASN C 18 -23.98 -39.00 0.05
CA ASN C 18 -23.82 -38.18 -1.14
C ASN C 18 -23.77 -36.71 -0.72
N THR C 19 -24.70 -36.34 0.17
CA THR C 19 -24.72 -34.98 0.66
C THR C 19 -23.39 -34.75 1.40
N LEU C 20 -22.86 -35.82 1.99
CA LEU C 20 -21.59 -35.72 2.70
C LEU C 20 -20.50 -35.38 1.70
N ALA C 21 -20.61 -35.94 0.51
CA ALA C 21 -19.63 -35.73 -0.56
C ALA C 21 -19.60 -34.30 -1.08
N ILE C 22 -20.78 -33.70 -1.27
CA ILE C 22 -20.80 -32.34 -1.76
C ILE C 22 -20.24 -31.40 -0.69
N LEU C 23 -20.68 -31.59 0.55
CA LEU C 23 -20.22 -30.79 1.69
C LEU C 23 -18.70 -30.89 1.84
N GLN C 24 -18.15 -32.05 1.50
CA GLN C 24 -16.71 -32.25 1.56
C GLN C 24 -16.13 -31.35 0.46
N LYS C 25 -16.81 -31.33 -0.68
CA LYS C 25 -16.38 -30.55 -1.84
C LYS C 25 -16.36 -29.05 -1.56
N GLU C 26 -17.47 -28.55 -1.00
CA GLU C 26 -17.61 -27.15 -0.66
C GLU C 26 -16.51 -26.71 0.31
N LEU C 27 -16.20 -27.57 1.28
CA LEU C 27 -15.16 -27.28 2.27
C LEU C 27 -13.78 -27.22 1.63
N LYS C 28 -13.57 -28.06 0.63
CA LYS C 28 -12.29 -28.09 -0.08
C LYS C 28 -12.16 -26.79 -0.89
N SER C 29 -13.28 -26.31 -1.40
CA SER C 29 -13.31 -25.07 -2.19
C SER C 29 -12.92 -23.89 -1.31
N LYS C 30 -13.70 -23.66 -0.26
CA LYS C 30 -13.45 -22.58 0.65
C LYS C 30 -12.03 -22.64 1.19
N GLU C 31 -11.51 -23.84 1.42
CA GLU C 31 -10.13 -23.96 1.91
C GLU C 31 -9.18 -23.59 0.78
N GLN C 32 -9.65 -23.80 -0.44
CA GLN C 32 -8.88 -23.49 -1.64
C GLN C 32 -8.81 -21.97 -1.71
N GLU C 33 -9.98 -21.32 -1.57
CA GLU C 33 -10.09 -19.87 -1.59
C GLU C 33 -9.26 -19.23 -0.48
N ILE C 34 -9.42 -19.73 0.75
CA ILE C 34 -8.68 -19.19 1.89
C ILE C 34 -7.16 -19.23 1.70
N ARG C 35 -6.65 -20.31 1.13
CA ARG C 35 -5.20 -20.43 0.91
C ARG C 35 -4.81 -19.43 -0.19
N ARG C 36 -5.72 -19.24 -1.13
CA ARG C 36 -5.53 -18.32 -2.25
C ARG C 36 -5.51 -16.89 -1.72
N LEU C 37 -6.54 -16.53 -0.97
CA LEU C 37 -6.63 -15.19 -0.40
C LEU C 37 -5.42 -14.93 0.49
N LYS C 38 -4.96 -15.96 1.19
CA LYS C 38 -3.79 -15.81 2.06
C LYS C 38 -2.52 -15.63 1.24
N GLU C 39 -2.48 -16.28 0.09
CA GLU C 39 -1.32 -16.19 -0.79
C GLU C 39 -1.28 -14.80 -1.43
N VAL C 40 -2.45 -14.30 -1.82
CA VAL C 40 -2.56 -12.97 -2.42
C VAL C 40 -2.00 -11.91 -1.46
N ILE C 41 -2.36 -12.05 -0.19
CA ILE C 41 -1.89 -11.13 0.85
C ILE C 41 -0.38 -11.15 1.03
N ALA C 42 0.23 -12.33 0.96
CA ALA C 42 1.67 -12.42 1.13
C ALA C 42 2.35 -11.75 -0.06
N LEU C 43 1.79 -11.98 -1.24
CA LEU C 43 2.32 -11.39 -2.46
C LEU C 43 2.28 -9.86 -2.35
N LYS C 44 1.12 -9.33 -1.95
CA LYS C 44 0.95 -7.90 -1.82
C LYS C 44 1.91 -7.28 -0.79
N ASN C 45 2.20 -8.03 0.27
CA ASN C 45 3.13 -7.53 1.29
C ASN C 45 4.53 -7.53 0.72
N LYS C 46 4.79 -8.48 -0.17
CA LYS C 46 6.11 -8.55 -0.78
C LYS C 46 6.22 -7.32 -1.68
N ASN C 47 5.18 -7.09 -2.49
CA ASN C 47 5.15 -5.94 -3.38
C ASN C 47 5.29 -4.65 -2.59
N THR C 48 4.61 -4.57 -1.45
CA THR C 48 4.67 -3.38 -0.61
C THR C 48 6.11 -3.13 -0.21
N GLU C 49 6.85 -4.22 0.01
CA GLU C 49 8.25 -4.16 0.41
C GLU C 49 9.10 -3.36 -0.59
N ARG C 50 9.17 -3.83 -1.84
CA ARG C 50 9.93 -3.13 -2.88
C ARG C 50 9.48 -1.69 -2.96
N LEU C 51 8.16 -1.50 -3.05
CA LEU C 51 7.61 -0.18 -3.14
C LEU C 51 8.12 0.73 -2.03
N ASN C 52 8.13 0.25 -0.79
CA ASN C 52 8.65 1.07 0.31
C ASN C 52 10.16 1.31 0.15
N ASP C 53 10.91 0.28 -0.27
CA ASP C 53 12.34 0.44 -0.48
C ASP C 53 12.58 1.51 -1.54
N GLU C 54 11.92 1.33 -2.68
CA GLU C 54 12.04 2.28 -3.78
C GLU C 54 11.80 3.69 -3.27
N LEU C 55 10.69 3.89 -2.58
CA LEU C 55 10.35 5.20 -2.05
C LEU C 55 11.43 5.66 -1.07
N ILE C 56 11.89 4.74 -0.23
CA ILE C 56 12.94 5.05 0.76
C ILE C 56 14.23 5.47 0.05
N SER C 57 14.67 4.66 -0.90
CA SER C 57 15.88 4.95 -1.66
C SER C 57 15.73 6.24 -2.45
N GLY C 58 14.56 6.43 -3.06
CA GLY C 58 14.33 7.63 -3.86
C GLY C 58 14.16 8.88 -3.03
N THR C 59 13.98 8.69 -1.73
CA THR C 59 13.81 9.80 -0.80
C THR C 59 15.20 10.21 -0.32
N ILE C 60 15.93 9.23 0.20
CA ILE C 60 17.29 9.44 0.69
C ILE C 60 18.11 10.28 -0.29
N GLU C 61 18.09 9.89 -1.55
CA GLU C 61 18.86 10.60 -2.56
C GLU C 61 18.17 11.85 -3.08
N ASN C 62 16.89 12.01 -2.78
CA ASN C 62 16.16 13.17 -3.26
C ASN C 62 16.49 14.44 -2.51
N ASN C 63 16.95 14.27 -1.27
CA ASN C 63 17.30 15.39 -0.40
C ASN C 63 18.33 16.33 -1.04
N VAL C 64 19.34 15.72 -1.66
CA VAL C 64 20.40 16.49 -2.31
C VAL C 64 19.82 17.51 -3.27
N SER D 11 -28.19 -43.20 16.36
CA SER D 11 -28.35 -44.29 15.36
C SER D 11 -27.32 -44.16 14.22
N HIS D 12 -27.42 -45.03 13.22
CA HIS D 12 -26.51 -45.01 12.06
C HIS D 12 -26.86 -43.84 11.14
N ASP D 13 -28.12 -43.42 11.19
CA ASP D 13 -28.62 -42.31 10.37
C ASP D 13 -28.32 -40.98 11.05
N ASP D 14 -28.29 -40.99 12.39
CA ASP D 14 -28.00 -39.80 13.16
C ASP D 14 -26.51 -39.49 13.09
N ALA D 15 -25.69 -40.54 13.22
CA ALA D 15 -24.25 -40.37 13.16
C ALA D 15 -23.86 -39.57 11.93
N LEU D 16 -24.43 -39.93 10.79
CA LEU D 16 -24.15 -39.24 9.53
C LEU D 16 -24.70 -37.82 9.57
N LEU D 17 -25.99 -37.70 9.91
CA LEU D 17 -26.64 -36.41 9.98
C LEU D 17 -25.88 -35.42 10.87
N ASN D 18 -25.34 -35.89 11.99
CA ASN D 18 -24.58 -35.02 12.89
C ASN D 18 -23.32 -34.53 12.19
N THR D 19 -22.63 -35.43 11.52
CA THR D 19 -21.40 -35.10 10.81
C THR D 19 -21.67 -34.00 9.78
N LEU D 20 -22.86 -34.03 9.19
CA LEU D 20 -23.25 -33.05 8.19
C LEU D 20 -23.48 -31.72 8.89
N ALA D 21 -24.12 -31.75 10.06
CA ALA D 21 -24.39 -30.52 10.82
C ALA D 21 -23.07 -29.92 11.23
N ILE D 22 -22.19 -30.75 11.80
CA ILE D 22 -20.88 -30.29 12.21
C ILE D 22 -20.12 -29.67 11.02
N LEU D 23 -20.19 -30.34 9.87
CA LEU D 23 -19.50 -29.86 8.67
C LEU D 23 -20.13 -28.59 8.11
N GLN D 24 -21.44 -28.46 8.26
CA GLN D 24 -22.17 -27.29 7.77
C GLN D 24 -21.78 -26.05 8.58
N LYS D 25 -21.80 -26.19 9.90
CA LYS D 25 -21.43 -25.09 10.78
C LYS D 25 -20.02 -24.62 10.41
N GLU D 26 -19.13 -25.57 10.13
CA GLU D 26 -17.75 -25.29 9.76
C GLU D 26 -17.62 -24.62 8.38
N LEU D 27 -18.64 -24.79 7.54
CA LEU D 27 -18.61 -24.19 6.21
C LEU D 27 -18.86 -22.70 6.37
N LYS D 28 -19.81 -22.37 7.24
CA LYS D 28 -20.16 -20.98 7.53
C LYS D 28 -18.91 -20.28 8.05
N SER D 29 -18.20 -20.94 8.94
CA SER D 29 -16.98 -20.42 9.53
C SER D 29 -15.93 -20.08 8.47
N LYS D 30 -15.78 -20.97 7.50
CA LYS D 30 -14.83 -20.77 6.43
C LYS D 30 -15.21 -19.60 5.55
N GLU D 31 -16.50 -19.48 5.25
CA GLU D 31 -16.96 -18.40 4.39
C GLU D 31 -16.76 -17.03 5.04
N GLN D 32 -16.92 -16.95 6.35
CA GLN D 32 -16.74 -15.69 7.06
C GLN D 32 -15.28 -15.30 7.20
N GLU D 33 -14.39 -16.29 7.24
CA GLU D 33 -12.96 -16.04 7.32
C GLU D 33 -12.52 -15.49 5.96
N ILE D 34 -13.22 -15.90 4.90
CA ILE D 34 -12.95 -15.46 3.55
C ILE D 34 -13.37 -14.01 3.39
N ARG D 35 -14.53 -13.70 3.96
CA ARG D 35 -15.08 -12.36 3.93
C ARG D 35 -14.06 -11.42 4.58
N ARG D 36 -13.52 -11.82 5.73
CA ARG D 36 -12.55 -11.00 6.44
C ARG D 36 -11.22 -10.84 5.71
N LEU D 37 -10.79 -11.88 5.02
CA LEU D 37 -9.54 -11.83 4.27
C LEU D 37 -9.68 -10.88 3.07
N LYS D 38 -10.89 -10.73 2.56
CA LYS D 38 -11.15 -9.85 1.43
C LYS D 38 -11.11 -8.38 1.89
N GLU D 39 -11.58 -8.15 3.10
CA GLU D 39 -11.58 -6.81 3.67
C GLU D 39 -10.12 -6.41 3.91
N VAL D 40 -9.33 -7.35 4.40
CA VAL D 40 -7.92 -7.12 4.66
C VAL D 40 -7.21 -6.75 3.38
N ILE D 41 -7.54 -7.46 2.30
CA ILE D 41 -6.95 -7.22 0.98
C ILE D 41 -7.34 -5.85 0.41
N ALA D 42 -8.60 -5.46 0.58
CA ALA D 42 -9.08 -4.18 0.08
C ALA D 42 -8.38 -3.00 0.76
N LEU D 43 -8.16 -3.14 2.06
CA LEU D 43 -7.51 -2.11 2.85
C LEU D 43 -6.07 -2.00 2.37
N LYS D 44 -5.47 -3.14 2.01
CA LYS D 44 -4.08 -3.14 1.52
C LYS D 44 -3.99 -2.50 0.15
N ASN D 45 -5.00 -2.71 -0.68
CA ASN D 45 -5.04 -2.12 -2.02
C ASN D 45 -5.02 -0.59 -1.92
N LYS D 46 -5.75 -0.06 -0.93
CA LYS D 46 -5.82 1.37 -0.70
C LYS D 46 -4.41 1.88 -0.39
N ASN D 47 -3.73 1.15 0.49
CA ASN D 47 -2.39 1.49 0.89
C ASN D 47 -1.44 1.39 -0.31
N THR D 48 -1.68 0.39 -1.15
CA THR D 48 -0.84 0.21 -2.34
C THR D 48 -0.98 1.42 -3.29
N GLU D 49 -2.20 1.92 -3.43
CA GLU D 49 -2.44 3.07 -4.29
C GLU D 49 -1.77 4.35 -3.76
N ARG D 50 -1.62 4.42 -2.43
CA ARG D 50 -1.00 5.56 -1.75
C ARG D 50 0.49 5.52 -2.04
N LEU D 51 1.08 4.33 -2.01
CA LEU D 51 2.50 4.14 -2.29
C LEU D 51 2.83 4.47 -3.75
N ASN D 52 1.94 4.06 -4.66
CA ASN D 52 2.16 4.33 -6.08
C ASN D 52 2.22 5.83 -6.27
N ASP D 53 1.32 6.55 -5.60
CA ASP D 53 1.29 8.00 -5.74
C ASP D 53 2.47 8.70 -5.07
N GLU D 54 2.91 8.18 -3.93
CA GLU D 54 4.07 8.78 -3.28
C GLU D 54 5.29 8.56 -4.19
N LEU D 55 5.36 7.39 -4.83
CA LEU D 55 6.47 7.11 -5.74
C LEU D 55 6.44 8.04 -6.95
N ILE D 56 5.25 8.34 -7.45
CA ILE D 56 5.13 9.23 -8.59
C ILE D 56 5.57 10.63 -8.15
N SER D 57 5.19 10.99 -6.92
CA SER D 57 5.58 12.28 -6.34
C SER D 57 7.10 12.37 -6.25
N GLY D 58 7.71 11.36 -5.64
CA GLY D 58 9.15 11.34 -5.50
C GLY D 58 9.89 11.47 -6.83
N THR D 59 9.27 10.95 -7.88
CA THR D 59 9.86 11.01 -9.23
C THR D 59 9.84 12.43 -9.75
N ILE D 60 8.77 13.16 -9.44
CA ILE D 60 8.63 14.54 -9.88
C ILE D 60 9.49 15.48 -9.02
N GLU D 61 9.55 15.20 -7.72
CA GLU D 61 10.33 16.01 -6.79
C GLU D 61 11.81 15.85 -7.08
N ASN D 62 12.19 14.70 -7.61
CA ASN D 62 13.57 14.42 -7.95
C ASN D 62 13.78 15.00 -9.34
N ASN D 63 12.67 15.21 -10.06
CA ASN D 63 12.69 15.74 -11.42
C ASN D 63 12.70 17.25 -11.45
N VAL D 64 12.16 17.89 -10.42
CA VAL D 64 12.11 19.34 -10.37
C VAL D 64 13.48 19.98 -10.20
N LEU D 65 14.28 19.43 -9.28
CA LEU D 65 15.60 19.99 -9.04
C LEU D 65 16.59 19.74 -10.17
N GLN D 66 16.27 18.80 -11.06
CA GLN D 66 17.15 18.51 -12.18
C GLN D 66 17.00 19.52 -13.33
N GLN D 67 15.76 19.89 -13.64
CA GLN D 67 15.49 20.86 -14.70
C GLN D 67 15.87 22.25 -14.18
N LYS D 68 15.97 22.35 -12.86
CA LYS D 68 16.33 23.57 -12.17
C LYS D 68 17.84 23.73 -12.25
N HIS E 12 54.32 -2.06 17.91
CA HIS E 12 53.49 -1.77 16.70
C HIS E 12 52.16 -2.50 16.75
N ASP E 13 52.20 -3.84 16.69
CA ASP E 13 50.99 -4.66 16.72
C ASP E 13 50.08 -4.38 17.92
N ASP E 14 50.59 -3.65 18.90
CA ASP E 14 49.81 -3.35 20.09
C ASP E 14 48.70 -2.32 19.81
N ALA E 15 49.08 -1.14 19.32
CA ALA E 15 48.11 -0.09 19.00
C ALA E 15 47.14 -0.59 17.93
N LEU E 16 47.66 -1.29 16.92
CA LEU E 16 46.85 -1.84 15.85
C LEU E 16 45.86 -2.84 16.40
N LEU E 17 46.23 -3.46 17.52
CA LEU E 17 45.39 -4.46 18.17
C LEU E 17 44.37 -3.74 19.05
N ASN E 18 44.71 -2.53 19.50
CA ASN E 18 43.80 -1.75 20.31
C ASN E 18 42.71 -1.24 19.38
N THR E 19 43.12 -0.72 18.24
CA THR E 19 42.18 -0.22 17.27
C THR E 19 41.30 -1.39 16.78
N LEU E 20 41.86 -2.59 16.78
CA LEU E 20 41.05 -3.74 16.38
C LEU E 20 39.91 -3.93 17.40
N ALA E 21 40.22 -3.71 18.68
CA ALA E 21 39.22 -3.82 19.74
C ALA E 21 38.15 -2.73 19.56
N ILE E 22 38.60 -1.49 19.34
CA ILE E 22 37.68 -0.39 19.13
C ILE E 22 36.67 -0.69 18.01
N LEU E 23 37.16 -1.22 16.88
CA LEU E 23 36.29 -1.56 15.76
C LEU E 23 35.33 -2.69 16.08
N GLN E 24 35.83 -3.72 16.75
CA GLN E 24 34.99 -4.87 17.09
C GLN E 24 33.87 -4.49 18.08
N LYS E 25 34.16 -3.57 18.99
CA LYS E 25 33.18 -3.15 19.99
C LYS E 25 32.12 -2.29 19.32
N GLU E 26 32.57 -1.34 18.51
CA GLU E 26 31.70 -0.43 17.77
C GLU E 26 30.80 -1.21 16.83
N LEU E 27 31.36 -2.26 16.24
CA LEU E 27 30.62 -3.11 15.34
C LEU E 27 29.56 -3.89 16.11
N LYS E 28 29.89 -4.23 17.35
CA LYS E 28 28.97 -4.98 18.23
C LYS E 28 27.82 -4.06 18.61
N SER E 29 28.18 -2.81 18.91
CA SER E 29 27.23 -1.78 19.28
C SER E 29 26.24 -1.57 18.13
N LYS E 30 26.77 -1.42 16.93
CA LYS E 30 25.98 -1.20 15.71
C LYS E 30 25.07 -2.38 15.44
N GLU E 31 25.56 -3.56 15.76
CA GLU E 31 24.80 -4.78 15.54
C GLU E 31 23.64 -4.87 16.51
N GLN E 32 23.81 -4.31 17.70
CA GLN E 32 22.74 -4.33 18.69
C GLN E 32 21.69 -3.29 18.31
N GLU E 33 22.16 -2.12 17.87
CA GLU E 33 21.27 -1.06 17.44
C GLU E 33 20.46 -1.56 16.25
N ILE E 34 21.04 -2.44 15.44
CA ILE E 34 20.32 -3.00 14.30
C ILE E 34 19.27 -4.00 14.77
N ARG E 35 19.59 -4.85 15.75
CA ARG E 35 18.62 -5.83 16.23
C ARG E 35 17.44 -5.12 16.90
N ARG E 36 17.72 -4.01 17.59
CA ARG E 36 16.67 -3.26 18.25
C ARG E 36 15.74 -2.57 17.23
N LEU E 37 16.32 -1.95 16.22
CA LEU E 37 15.54 -1.27 15.20
C LEU E 37 14.63 -2.29 14.53
N LYS E 38 15.11 -3.52 14.36
CA LYS E 38 14.27 -4.55 13.75
C LYS E 38 13.19 -4.98 14.74
N GLU E 39 13.47 -4.87 16.03
CA GLU E 39 12.49 -5.22 17.03
C GLU E 39 11.35 -4.19 16.95
N VAL E 40 11.75 -2.91 17.02
CA VAL E 40 10.80 -1.79 16.93
C VAL E 40 9.91 -1.94 15.71
N ILE E 41 10.50 -2.27 14.58
CA ILE E 41 9.75 -2.43 13.34
C ILE E 41 8.71 -3.53 13.41
N ALA E 42 9.05 -4.63 14.06
CA ALA E 42 8.13 -5.76 14.16
C ALA E 42 6.97 -5.44 15.09
N LEU E 43 7.25 -4.71 16.17
CA LEU E 43 6.21 -4.33 17.11
C LEU E 43 5.30 -3.28 16.46
N LYS E 44 5.86 -2.39 15.66
CA LYS E 44 5.04 -1.39 15.00
C LYS E 44 4.13 -2.09 13.98
N ASN E 45 4.63 -3.15 13.34
CA ASN E 45 3.81 -3.88 12.37
C ASN E 45 2.68 -4.62 13.11
N LYS E 46 2.95 -5.11 14.30
CA LYS E 46 1.93 -5.80 15.06
C LYS E 46 0.82 -4.78 15.34
N ASN E 47 1.22 -3.62 15.86
CA ASN E 47 0.31 -2.52 16.15
C ASN E 47 -0.52 -2.11 14.93
N THR E 48 0.12 -2.07 13.79
CA THR E 48 -0.49 -1.71 12.52
C THR E 48 -1.57 -2.72 12.13
N GLU E 49 -1.30 -4.00 12.39
CA GLU E 49 -2.27 -5.04 12.06
C GLU E 49 -3.48 -4.93 12.99
N ARG E 50 -3.21 -4.62 14.26
CA ARG E 50 -4.27 -4.47 15.24
C ARG E 50 -5.15 -3.30 14.84
N LEU E 51 -4.51 -2.23 14.38
CA LEU E 51 -5.21 -1.03 13.95
C LEU E 51 -6.05 -1.31 12.71
N ASN E 52 -5.47 -2.01 11.73
CA ASN E 52 -6.21 -2.33 10.51
C ASN E 52 -7.46 -3.15 10.84
N ASP E 53 -7.34 -4.06 11.80
CA ASP E 53 -8.45 -4.90 12.24
C ASP E 53 -9.55 -4.06 12.89
N GLU E 54 -9.14 -3.04 13.65
CA GLU E 54 -10.07 -2.13 14.30
C GLU E 54 -10.77 -1.32 13.23
N LEU E 55 -10.01 -0.93 12.22
CA LEU E 55 -10.53 -0.14 11.11
C LEU E 55 -11.57 -0.93 10.33
N ILE E 56 -11.22 -2.15 9.97
CA ILE E 56 -12.13 -3.01 9.22
C ILE E 56 -13.46 -3.15 9.92
N SER E 57 -13.45 -3.70 11.13
CA SER E 57 -14.69 -3.89 11.86
C SER E 57 -15.39 -2.57 12.19
N GLY E 58 -14.65 -1.49 12.28
CA GLY E 58 -15.28 -0.21 12.56
C GLY E 58 -16.10 0.22 11.35
N THR E 59 -15.60 -0.13 10.17
CA THR E 59 -16.27 0.21 8.93
C THR E 59 -17.56 -0.59 8.81
N ILE E 60 -17.44 -1.89 9.04
CA ILE E 60 -18.59 -2.79 8.97
C ILE E 60 -19.64 -2.36 10.00
N GLU E 61 -19.16 -1.91 11.16
CA GLU E 61 -20.03 -1.46 12.24
C GLU E 61 -20.89 -0.28 11.80
N ASN E 62 -20.29 0.61 11.00
CA ASN E 62 -21.01 1.79 10.51
C ASN E 62 -21.95 1.43 9.36
N ASN E 63 -21.54 0.50 8.50
CA ASN E 63 -22.39 0.10 7.39
C ASN E 63 -23.69 -0.46 7.96
N VAL E 64 -23.56 -1.18 9.07
CA VAL E 64 -24.70 -1.76 9.77
C VAL E 64 -25.69 -0.65 10.08
N LEU E 65 -25.19 0.41 10.71
CA LEU E 65 -26.00 1.56 11.10
C LEU E 65 -26.50 2.37 9.89
N GLN E 66 -25.78 2.30 8.77
CA GLN E 66 -26.19 3.02 7.57
C GLN E 66 -27.38 2.29 6.98
N GLN E 67 -27.31 0.96 6.98
CA GLN E 67 -28.38 0.11 6.46
C GLN E 67 -29.63 0.17 7.34
N LYS E 68 -29.44 0.18 8.65
CA LYS E 68 -30.55 0.25 9.60
C LYS E 68 -31.29 1.59 9.50
N LEU E 69 -30.64 2.57 8.88
CA LEU E 69 -31.24 3.90 8.70
C LEU E 69 -32.19 3.90 7.50
N SER E 70 -31.66 3.67 6.30
CA SER E 70 -32.49 3.65 5.09
C SER E 70 -33.51 2.52 5.14
N ASP E 71 -33.02 1.29 5.26
CA ASP E 71 -33.86 0.10 5.33
C ASP E 71 -34.48 -0.04 6.72
N ASP F 13 52.43 -5.95 10.63
CA ASP F 13 51.51 -4.78 10.63
C ASP F 13 50.56 -4.82 9.43
N ASP F 14 51.06 -5.27 8.28
CA ASP F 14 50.25 -5.32 7.07
C ASP F 14 48.98 -6.17 7.14
N ALA F 15 49.07 -7.34 7.76
CA ALA F 15 47.90 -8.20 7.87
C ALA F 15 46.88 -7.58 8.83
N LEU F 16 47.37 -6.90 9.85
CA LEU F 16 46.48 -6.27 10.81
C LEU F 16 45.81 -5.06 10.16
N LEU F 17 46.63 -4.21 9.53
CA LEU F 17 46.14 -3.03 8.85
C LEU F 17 45.06 -3.39 7.83
N ASN F 18 45.21 -4.54 7.18
CA ASN F 18 44.22 -4.98 6.20
C ASN F 18 42.93 -5.26 6.95
N THR F 19 43.07 -5.93 8.09
CA THR F 19 41.91 -6.26 8.91
C THR F 19 41.18 -4.99 9.36
N LEU F 20 41.93 -3.99 9.81
CA LEU F 20 41.33 -2.75 10.25
C LEU F 20 40.52 -2.06 9.16
N ALA F 21 41.04 -2.09 7.94
CA ALA F 21 40.36 -1.47 6.79
C ALA F 21 39.11 -2.26 6.37
N ILE F 22 39.16 -3.58 6.44
CA ILE F 22 38.01 -4.42 6.08
C ILE F 22 36.85 -4.18 7.08
N LEU F 23 37.19 -4.04 8.36
CA LEU F 23 36.18 -3.83 9.41
C LEU F 23 35.68 -2.38 9.42
N GLN F 24 36.51 -1.45 8.92
CA GLN F 24 36.09 -0.07 8.86
C GLN F 24 35.03 0.06 7.76
N LYS F 25 35.19 -0.69 6.68
CA LYS F 25 34.23 -0.66 5.58
C LYS F 25 32.95 -1.37 6.02
N GLU F 26 33.10 -2.40 6.85
CA GLU F 26 31.95 -3.13 7.34
C GLU F 26 31.16 -2.21 8.28
N LEU F 27 31.88 -1.39 9.04
CA LEU F 27 31.22 -0.45 9.94
C LEU F 27 30.35 0.53 9.14
N LYS F 28 30.91 1.11 8.09
CA LYS F 28 30.17 2.04 7.23
C LYS F 28 28.91 1.36 6.69
N SER F 29 29.04 0.09 6.35
CA SER F 29 27.93 -0.67 5.80
C SER F 29 26.80 -0.79 6.80
N LYS F 30 27.16 -1.05 8.05
CA LYS F 30 26.22 -1.18 9.15
C LYS F 30 25.55 0.15 9.46
N GLU F 31 26.33 1.22 9.46
CA GLU F 31 25.82 2.57 9.74
C GLU F 31 24.80 2.97 8.67
N GLN F 32 25.01 2.48 7.46
CA GLN F 32 24.15 2.75 6.32
C GLN F 32 22.82 2.01 6.51
N GLU F 33 22.90 0.77 7.01
CA GLU F 33 21.72 -0.07 7.27
C GLU F 33 20.88 0.50 8.42
N ILE F 34 21.52 1.19 9.36
CA ILE F 34 20.83 1.81 10.50
C ILE F 34 20.03 3.01 9.99
N ARG F 35 20.64 3.78 9.09
CA ARG F 35 19.99 4.94 8.49
C ARG F 35 18.78 4.47 7.67
N ARG F 36 18.96 3.39 6.90
CA ARG F 36 17.88 2.84 6.09
C ARG F 36 16.72 2.42 6.99
N LEU F 37 16.98 1.62 8.03
CA LEU F 37 15.92 1.18 8.95
C LEU F 37 15.23 2.36 9.65
N LYS F 38 15.97 3.41 9.96
CA LYS F 38 15.32 4.54 10.59
C LYS F 38 14.35 5.20 9.59
N GLU F 39 14.67 5.13 8.30
CA GLU F 39 13.80 5.71 7.28
C GLU F 39 12.52 4.87 7.21
N VAL F 40 12.68 3.56 7.31
CA VAL F 40 11.53 2.66 7.26
C VAL F 40 10.59 2.98 8.41
N ILE F 41 11.14 3.11 9.61
CA ILE F 41 10.34 3.44 10.78
C ILE F 41 9.58 4.78 10.62
N ALA F 42 10.27 5.78 10.09
CA ALA F 42 9.67 7.10 9.90
C ALA F 42 8.46 6.99 8.99
N LEU F 43 8.58 6.17 7.97
CA LEU F 43 7.52 5.93 7.00
C LEU F 43 6.36 5.19 7.65
N LYS F 44 6.66 4.13 8.41
CA LYS F 44 5.61 3.40 9.08
C LYS F 44 4.90 4.31 10.09
N ASN F 45 5.65 5.24 10.68
CA ASN F 45 5.07 6.18 11.63
C ASN F 45 4.05 7.12 10.97
N LYS F 46 4.27 7.46 9.70
CA LYS F 46 3.32 8.32 8.99
C LYS F 46 2.05 7.53 8.70
N ASN F 47 2.25 6.31 8.25
CA ASN F 47 1.15 5.44 7.94
C ASN F 47 0.30 5.26 9.19
N THR F 48 0.98 5.09 10.33
CA THR F 48 0.33 4.92 11.63
C THR F 48 -0.52 6.13 11.97
N GLU F 49 0.01 7.33 11.72
CA GLU F 49 -0.72 8.54 12.02
C GLU F 49 -1.97 8.63 11.17
N ARG F 50 -1.85 8.29 9.90
CA ARG F 50 -2.96 8.29 8.97
C ARG F 50 -4.03 7.29 9.46
N LEU F 51 -3.59 6.15 9.97
CA LEU F 51 -4.51 5.14 10.48
C LEU F 51 -5.27 5.62 11.72
N ASN F 52 -4.55 6.24 12.65
CA ASN F 52 -5.19 6.73 13.86
C ASN F 52 -6.35 7.67 13.50
N ASP F 53 -6.10 8.55 12.53
CA ASP F 53 -7.09 9.51 12.09
C ASP F 53 -8.33 8.88 11.46
N GLU F 54 -8.14 7.84 10.63
CA GLU F 54 -9.26 7.17 10.01
C GLU F 54 -10.12 6.46 11.06
N LEU F 55 -9.50 6.04 12.17
CA LEU F 55 -10.24 5.39 13.23
C LEU F 55 -11.02 6.45 14.01
N ILE F 56 -10.49 7.66 14.04
CA ILE F 56 -11.13 8.75 14.75
C ILE F 56 -12.32 9.25 13.93
N SER F 57 -12.12 9.47 12.63
CA SER F 57 -13.21 9.92 11.79
C SER F 57 -14.24 8.78 11.70
N GLY F 58 -13.73 7.56 11.58
CA GLY F 58 -14.61 6.41 11.51
C GLY F 58 -15.54 6.38 12.71
N THR F 59 -14.99 6.76 13.86
CA THR F 59 -15.76 6.80 15.10
C THR F 59 -16.66 8.03 15.16
N ILE F 60 -16.25 9.12 14.50
CA ILE F 60 -17.07 10.32 14.51
C ILE F 60 -18.38 10.05 13.77
N GLU F 61 -18.29 9.36 12.64
CA GLU F 61 -19.48 9.04 11.86
C GLU F 61 -20.40 8.08 12.61
N ASN F 62 -19.81 7.15 13.37
CA ASN F 62 -20.61 6.20 14.15
C ASN F 62 -21.48 6.98 15.12
N ASN F 63 -20.90 7.99 15.76
CA ASN F 63 -21.64 8.82 16.69
C ASN F 63 -22.72 9.61 15.94
N VAL F 64 -22.43 9.91 14.68
CA VAL F 64 -23.38 10.64 13.85
C VAL F 64 -24.55 9.70 13.59
N LEU F 65 -24.23 8.48 13.19
CA LEU F 65 -25.23 7.47 12.90
C LEU F 65 -26.13 7.06 14.05
N GLN F 66 -25.59 6.35 15.02
CA GLN F 66 -26.39 5.90 16.15
C GLN F 66 -27.23 6.99 16.80
N GLN F 67 -26.70 8.20 16.88
CA GLN F 67 -27.44 9.31 17.48
C GLN F 67 -28.44 9.92 16.49
N LYS F 68 -28.04 10.01 15.22
CA LYS F 68 -28.94 10.57 14.21
C LYS F 68 -30.18 9.67 14.14
N LEU F 69 -29.95 8.37 14.08
CA LEU F 69 -31.04 7.42 13.99
C LEU F 69 -31.74 7.17 15.33
N SER F 70 -31.16 7.64 16.43
CA SER F 70 -31.77 7.47 17.75
C SER F 70 -32.84 8.55 17.94
#